data_6KC5
#
_entry.id   6KC5
#
_cell.length_a   39.350
_cell.length_b   60.227
_cell.length_c   92.280
_cell.angle_alpha   90.00
_cell.angle_beta   90.00
_cell.angle_gamma   90.00
#
_symmetry.space_group_name_H-M   'P 21 21 21'
#
loop_
_entity.id
_entity.type
_entity.pdbx_description
1 polymer 'E3 ubiquitin-protein ligase RNF31'
2 non-polymer 'ZINC ION'
3 non-polymer '2-[3-(2-methoxyphenyl)-3-oxidanylidene-propyl]benzoic acid'
4 non-polymer GLYCEROL
5 non-polymer '4-(2-HYDROXYETHYL)-1-PIPERAZINE ETHANESULFONIC ACID'
6 water water
#
_entity_poly.entity_id   1
_entity_poly.type   'polypeptide(L)'
_entity_poly.pdbx_seq_one_letter_code
;GPGHMPEYQAQGLAMYLQENGIDCPKCKFSYALARGGCMHFHCTQCRHQFCSGCYNAFYAKNKCPEPNCRVKKSLHGHHP
RDCLFYLRDWTALRLQKLLQDNNVMFNTEPPAGARAVPGGGCRVIEQKEVPNGLRDEACGKETPAGYAGLCQAHYKEYLV
SLINAHSLDPATLYEVEELETATERYLHVRPQPLAGEDPPAYQARLLQKLTEEVPLGQSIPRRRK
;
_entity_poly.pdbx_strand_id   B
#
# COMPACT_ATOMS: atom_id res chain seq x y z
N GLY A 21 -17.49 1.47 -0.18
CA GLY A 21 -16.60 2.58 0.07
C GLY A 21 -15.53 2.28 1.10
N ILE A 22 -15.49 3.06 2.16
CA ILE A 22 -14.48 2.94 3.21
C ILE A 22 -15.17 2.88 4.58
N ASP A 23 -14.84 1.87 5.38
CA ASP A 23 -15.45 1.70 6.71
C ASP A 23 -14.50 2.10 7.84
N CYS A 24 -14.97 2.87 8.82
CA CYS A 24 -14.12 3.21 9.97
C CYS A 24 -13.84 1.93 10.71
N PRO A 25 -12.56 1.57 10.83
CA PRO A 25 -12.24 0.31 11.50
C PRO A 25 -12.64 0.30 12.96
N LYS A 26 -12.93 1.49 13.51
CA LYS A 26 -13.41 1.60 14.89
C LYS A 26 -14.94 1.55 15.03
N CYS A 27 -15.67 2.40 14.30
CA CYS A 27 -17.12 2.39 14.49
CA CYS A 27 -17.15 2.50 14.35
C CYS A 27 -17.85 1.50 13.49
N LYS A 28 -17.20 1.22 12.35
CA LYS A 28 -17.74 0.41 11.24
C LYS A 28 -18.76 1.18 10.38
N PHE A 29 -18.78 2.51 10.44
CA PHE A 29 -19.61 3.29 9.52
C PHE A 29 -19.05 3.21 8.10
N SER A 30 -19.94 3.15 7.11
CA SER A 30 -19.51 3.00 5.72
C SER A 30 -19.60 4.30 4.94
N TYR A 31 -18.61 4.56 4.09
CA TYR A 31 -18.59 5.76 3.26
C TYR A 31 -18.58 5.41 1.78
N GLY A 37 -6.03 11.05 -3.55
CA GLY A 37 -4.79 10.31 -3.45
C GLY A 37 -4.19 10.38 -2.05
N CYS A 38 -4.92 11.02 -1.15
CA CYS A 38 -4.50 11.19 0.25
C CYS A 38 -5.08 10.08 1.13
N MET A 39 -4.22 9.48 1.95
CA MET A 39 -4.59 8.29 2.72
C MET A 39 -5.20 8.61 4.07
N HIS A 40 -5.07 9.86 4.51
CA HIS A 40 -5.51 10.25 5.84
C HIS A 40 -7.02 10.42 5.86
N PHE A 41 -7.69 9.60 6.65
CA PHE A 41 -9.14 9.62 6.65
C PHE A 41 -9.67 9.96 8.03
N HIS A 42 -10.70 10.79 8.03
CA HIS A 42 -11.42 11.11 9.23
C HIS A 42 -12.78 10.46 9.30
N CYS A 43 -13.08 9.79 10.41
CA CYS A 43 -14.45 9.43 10.69
CA CYS A 43 -14.44 9.41 10.73
C CYS A 43 -15.04 10.45 11.66
N THR A 44 -16.15 11.06 11.28
CA THR A 44 -16.69 12.13 12.11
C THR A 44 -17.50 11.61 13.29
N GLN A 45 -17.90 10.35 13.21
CA GLN A 45 -18.72 9.73 14.25
C GLN A 45 -17.91 9.46 15.52
N CYS A 46 -16.81 8.72 15.37
CA CYS A 46 -15.97 8.30 16.48
CA CYS A 46 -16.04 8.40 16.56
C CYS A 46 -14.72 9.16 16.62
N ARG A 47 -14.45 9.95 15.57
CA ARG A 47 -13.27 10.84 15.46
C ARG A 47 -11.96 10.09 15.29
N HIS A 48 -12.05 8.79 15.03
CA HIS A 48 -10.86 8.01 14.72
C HIS A 48 -10.15 8.56 13.49
N GLN A 49 -8.81 8.53 13.52
CA GLN A 49 -7.97 8.87 12.38
C GLN A 49 -7.35 7.59 11.87
N PHE A 50 -7.43 7.35 10.57
CA PHE A 50 -6.87 6.09 10.06
C PHE A 50 -6.52 6.16 8.59
N CYS A 51 -5.81 5.16 8.11
CA CYS A 51 -5.43 5.12 6.72
C CYS A 51 -6.53 4.45 5.90
N SER A 52 -6.95 5.07 4.81
CA SER A 52 -8.02 4.50 4.00
C SER A 52 -7.53 3.30 3.19
N GLY A 53 -6.22 3.07 3.17
CA GLY A 53 -5.67 1.97 2.39
C GLY A 53 -5.49 0.71 3.18
N CYS A 54 -5.10 0.85 4.44
CA CYS A 54 -4.80 -0.34 5.25
C CYS A 54 -5.51 -0.36 6.58
N TYR A 55 -6.25 0.72 6.89
CA TYR A 55 -7.05 0.88 8.11
C TYR A 55 -6.24 0.96 9.40
N ASN A 56 -4.92 1.12 9.30
CA ASN A 56 -4.14 1.38 10.50
C ASN A 56 -4.35 2.82 10.97
N ALA A 57 -4.19 3.03 12.26
CA ALA A 57 -4.42 4.33 12.88
C ALA A 57 -3.40 5.38 12.45
N PHE A 58 -3.88 6.62 12.33
CA PHE A 58 -3.01 7.78 12.17
C PHE A 58 -2.80 8.45 13.52
N TYR A 59 -1.59 8.93 13.73
CA TYR A 59 -1.20 9.62 14.95
C TYR A 59 -0.71 11.00 14.62
N ALA A 60 -1.15 11.98 15.37
CA ALA A 60 -0.64 13.34 15.22
C ALA A 60 0.78 13.40 15.75
N LYS A 61 1.49 14.48 15.47
CA LYS A 61 2.84 14.63 15.98
C LYS A 61 2.84 14.48 17.50
N ASN A 62 3.89 13.84 18.00
CA ASN A 62 4.09 13.54 19.42
C ASN A 62 3.09 12.58 20.04
N LYS A 63 2.29 11.90 19.23
CA LYS A 63 1.26 11.01 19.78
C LYS A 63 1.49 9.54 19.48
N CYS A 64 2.47 9.23 18.63
CA CYS A 64 2.79 7.84 18.28
C CYS A 64 3.36 7.05 19.46
N PRO A 65 2.74 5.91 19.79
CA PRO A 65 3.18 5.06 20.90
C PRO A 65 4.14 3.93 20.52
N GLU A 66 4.45 3.80 19.24
CA GLU A 66 5.26 2.68 18.75
C GLU A 66 6.76 2.85 18.98
N PRO A 67 7.35 1.95 19.79
CA PRO A 67 8.76 2.05 20.23
C PRO A 67 9.76 2.03 19.07
N ASN A 68 9.45 1.27 18.02
CA ASN A 68 10.38 1.09 16.91
C ASN A 68 10.09 2.00 15.73
N CYS A 69 9.19 2.95 15.93
CA CYS A 69 8.88 3.90 14.87
C CYS A 69 9.81 5.10 14.94
N ARG A 70 10.25 5.55 13.77
CA ARG A 70 11.28 6.59 13.70
C ARG A 70 10.70 7.97 13.43
N VAL A 71 9.38 8.03 13.30
CA VAL A 71 8.70 9.24 12.89
C VAL A 71 7.82 9.74 14.00
N LYS A 72 8.32 10.71 14.77
CA LYS A 72 7.61 11.11 15.97
C LYS A 72 7.01 12.50 15.89
N LYS A 73 7.37 13.27 14.87
CA LYS A 73 6.88 14.65 14.79
C LYS A 73 6.03 14.90 13.54
N SER A 74 5.49 13.83 12.96
CA SER A 74 4.69 13.90 11.75
C SER A 74 3.33 13.27 11.96
N LEU A 75 2.35 13.75 11.22
CA LEU A 75 1.06 13.05 11.16
C LEU A 75 1.24 11.80 10.29
N HIS A 76 1.05 10.63 10.88
CA HIS A 76 1.41 9.41 10.16
C HIS A 76 0.72 8.19 10.71
N GLY A 77 0.76 7.12 9.92
CA GLY A 77 0.37 5.80 10.37
C GLY A 77 1.51 4.82 10.10
N HIS A 78 1.27 3.58 10.49
CA HIS A 78 2.23 2.49 10.22
C HIS A 78 1.58 1.51 9.29
N HIS A 79 2.08 1.50 8.05
CA HIS A 79 1.43 0.80 6.95
C HIS A 79 2.18 -0.46 6.59
N PRO A 80 1.45 -1.52 6.24
CA PRO A 80 2.05 -2.72 5.64
C PRO A 80 2.61 -2.41 4.26
N ARG A 81 3.47 -3.29 3.76
CA ARG A 81 4.19 -3.00 2.53
C ARG A 81 3.29 -2.99 1.31
N ASP A 82 2.10 -3.59 1.42
CA ASP A 82 1.17 -3.58 0.29
C ASP A 82 0.03 -2.55 0.43
N CYS A 83 0.16 -1.63 1.36
CA CYS A 83 -0.79 -0.51 1.40
C CYS A 83 -0.60 0.42 0.20
N LEU A 84 -1.70 0.96 -0.29
CA LEU A 84 -1.67 2.00 -1.29
C LEU A 84 -0.74 3.15 -0.87
N PHE A 85 -0.59 3.38 0.43
CA PHE A 85 0.33 4.42 0.92
C PHE A 85 1.72 4.27 0.29
N TYR A 86 2.17 3.03 0.17
CA TYR A 86 3.44 2.75 -0.50
C TYR A 86 3.28 2.54 -1.99
N LEU A 87 2.25 1.77 -2.37
CA LEU A 87 2.21 1.32 -3.77
C LEU A 87 1.79 2.43 -4.73
N ARG A 88 1.18 3.49 -4.20
CA ARG A 88 0.86 4.64 -5.04
C ARG A 88 2.12 5.30 -5.58
N ASP A 89 3.28 5.01 -4.96
CA ASP A 89 4.54 5.60 -5.38
C ASP A 89 5.25 4.76 -6.44
N TRP A 90 4.73 3.57 -6.69
CA TRP A 90 5.23 2.77 -7.80
C TRP A 90 4.76 3.38 -9.12
N THR A 91 5.47 3.11 -10.20
CA THR A 91 4.95 3.41 -11.51
C THR A 91 3.80 2.46 -11.85
N ALA A 92 2.93 2.86 -12.78
CA ALA A 92 1.88 1.98 -13.26
C ALA A 92 2.50 0.72 -13.88
N LEU A 93 3.63 0.91 -14.55
CA LEU A 93 4.29 -0.23 -15.20
C LEU A 93 4.72 -1.28 -14.19
N ARG A 94 5.26 -0.83 -13.06
CA ARG A 94 5.71 -1.79 -12.04
C ARG A 94 4.53 -2.45 -11.33
N LEU A 95 3.46 -1.69 -11.10
CA LEU A 95 2.25 -2.28 -10.56
C LEU A 95 1.70 -3.34 -11.52
N GLN A 96 1.71 -3.03 -12.81
CA GLN A 96 1.28 -4.00 -13.81
C GLN A 96 2.17 -5.23 -13.84
N LYS A 97 3.46 -5.03 -13.60
CA LYS A 97 4.39 -6.14 -13.59
C LYS A 97 4.03 -7.13 -12.50
N LEU A 98 3.66 -6.62 -11.33
CA LEU A 98 3.28 -7.51 -10.24
C LEU A 98 2.05 -8.32 -10.60
N LEU A 99 1.06 -7.66 -11.21
CA LEU A 99 -0.13 -8.37 -11.67
C LEU A 99 0.20 -9.39 -12.77
N GLN A 100 1.02 -8.97 -13.73
CA GLN A 100 1.38 -9.85 -14.84
C GLN A 100 2.14 -11.11 -14.38
N ASP A 101 3.04 -10.93 -13.42
CA ASP A 101 3.82 -12.06 -12.92
C ASP A 101 2.92 -13.09 -12.25
N ASN A 102 1.75 -12.64 -11.79
CA ASN A 102 0.82 -13.53 -11.15
C ASN A 102 -0.42 -13.86 -12.02
N ASN A 103 -0.35 -13.43 -13.28
CA ASN A 103 -1.42 -13.64 -14.25
C ASN A 103 -2.78 -13.20 -13.77
N VAL A 104 -2.79 -12.03 -13.13
CA VAL A 104 -4.05 -11.40 -12.76
C VAL A 104 -4.37 -10.36 -13.82
N MET A 105 -5.56 -10.48 -14.42
CA MET A 105 -6.00 -9.57 -15.48
C MET A 105 -6.25 -8.18 -14.94
N PHE A 106 -6.00 -7.17 -15.76
CA PHE A 106 -6.35 -5.81 -15.37
C PHE A 106 -6.77 -5.05 -16.60
N ASN A 107 -7.71 -4.11 -16.44
CA ASN A 107 -8.13 -3.30 -17.56
C ASN A 107 -7.07 -2.28 -17.95
N THR A 108 -6.98 -2.04 -19.26
CA THR A 108 -6.15 -0.97 -19.77
C THR A 108 -7.01 -0.03 -20.62
N GLU A 109 -8.20 -0.47 -21.04
CA GLU A 109 -9.03 0.33 -21.93
C GLU A 109 -10.24 0.89 -21.17
N PRO A 110 -10.77 2.04 -21.62
CA PRO A 110 -11.93 2.67 -20.99
C PRO A 110 -13.17 1.76 -21.06
N PRO A 111 -14.16 2.03 -20.20
CA PRO A 111 -15.36 1.21 -20.18
C PRO A 111 -16.22 1.48 -21.41
N ALA A 112 -17.21 0.62 -21.64
CA ALA A 112 -18.20 0.87 -22.68
C ALA A 112 -18.94 2.18 -22.37
N GLY A 113 -19.48 2.82 -23.40
CA GLY A 113 -20.18 4.08 -23.24
C GLY A 113 -21.65 4.00 -23.62
N GLY A 121 -11.16 13.40 -17.84
CA GLY A 121 -12.45 12.75 -17.97
C GLY A 121 -12.62 11.63 -16.95
N CYS A 122 -11.72 11.60 -15.97
CA CYS A 122 -11.79 10.60 -14.92
C CYS A 122 -13.11 10.71 -14.16
N ARG A 123 -13.86 9.62 -14.14
CA ARG A 123 -15.20 9.64 -13.57
C ARG A 123 -15.22 9.52 -12.05
N VAL A 124 -14.12 9.04 -11.47
CA VAL A 124 -14.05 8.76 -10.03
C VAL A 124 -14.45 9.97 -9.20
N ILE A 125 -15.45 9.78 -8.36
CA ILE A 125 -15.99 10.91 -7.60
C ILE A 125 -15.11 11.21 -6.39
N GLU A 126 -14.60 12.43 -6.35
CA GLU A 126 -13.74 12.89 -5.26
C GLU A 126 -14.50 13.85 -4.36
N GLN A 127 -13.95 14.09 -3.17
CA GLN A 127 -14.52 15.09 -2.27
C GLN A 127 -13.71 16.37 -2.34
N LYS A 128 -14.29 17.41 -2.90
CA LYS A 128 -13.58 18.68 -3.06
C LYS A 128 -14.28 19.81 -2.30
N ALA A 138 -16.93 14.51 -9.75
CA ALA A 138 -16.01 13.62 -10.46
C ALA A 138 -14.59 14.19 -10.49
N CYS A 139 -13.61 13.29 -10.49
CA CYS A 139 -12.20 13.64 -10.54
C CYS A 139 -11.91 14.56 -11.72
N GLY A 140 -12.34 14.16 -12.90
CA GLY A 140 -12.23 15.01 -14.08
C GLY A 140 -10.86 15.19 -14.69
N LYS A 141 -9.83 14.60 -14.07
CA LYS A 141 -8.46 14.74 -14.60
C LYS A 141 -8.30 14.08 -15.97
N GLU A 142 -7.11 14.27 -16.56
CA GLU A 142 -6.77 13.70 -17.86
C GLU A 142 -6.74 12.18 -17.80
N THR A 143 -7.14 11.54 -18.90
CA THR A 143 -7.33 10.09 -18.95
C THR A 143 -6.38 9.46 -19.98
N PRO A 144 -5.14 9.13 -19.54
CA PRO A 144 -4.10 8.64 -20.46
C PRO A 144 -4.44 7.31 -21.13
N ALA A 145 -3.90 7.09 -22.33
CA ALA A 145 -4.07 5.81 -23.01
C ALA A 145 -3.52 4.68 -22.16
N GLY A 146 -4.27 3.59 -22.08
CA GLY A 146 -3.84 2.43 -21.32
C GLY A 146 -4.16 2.50 -19.83
N TYR A 147 -4.77 3.57 -19.39
CA TYR A 147 -5.08 3.74 -17.97
C TYR A 147 -6.56 3.53 -17.69
N ALA A 148 -7.20 2.76 -18.57
CA ALA A 148 -8.57 2.26 -18.35
C ALA A 148 -9.62 3.35 -18.16
N GLY A 149 -9.36 4.54 -18.68
CA GLY A 149 -10.31 5.63 -18.57
C GLY A 149 -10.20 6.38 -17.26
N LEU A 150 -9.18 6.09 -16.47
CA LEU A 150 -8.92 6.78 -15.22
C LEU A 150 -7.70 7.68 -15.39
N CYS A 151 -7.54 8.65 -14.49
CA CYS A 151 -6.28 9.41 -14.40
C CYS A 151 -5.16 8.54 -13.81
N GLN A 152 -3.93 9.04 -13.85
CA GLN A 152 -2.80 8.26 -13.36
C GLN A 152 -3.00 7.79 -11.93
N ALA A 153 -3.42 8.70 -11.06
CA ALA A 153 -3.57 8.36 -9.65
C ALA A 153 -4.69 7.34 -9.42
N HIS A 154 -5.81 7.52 -10.10
CA HIS A 154 -6.92 6.60 -9.86
C HIS A 154 -6.69 5.26 -10.58
N TYR A 155 -5.93 5.27 -11.66
CA TYR A 155 -5.54 4.01 -12.30
C TYR A 155 -4.62 3.20 -11.37
N LYS A 156 -3.63 3.85 -10.77
CA LYS A 156 -2.79 3.15 -9.79
C LYS A 156 -3.63 2.62 -8.62
N GLU A 157 -4.61 3.40 -8.16
CA GLU A 157 -5.50 2.90 -7.10
C GLU A 157 -6.22 1.62 -7.54
N TYR A 158 -6.69 1.61 -8.78
CA TYR A 158 -7.35 0.45 -9.35
C TYR A 158 -6.39 -0.76 -9.40
N LEU A 159 -5.20 -0.56 -9.92
CA LEU A 159 -4.24 -1.66 -9.95
C LEU A 159 -3.94 -2.19 -8.55
N VAL A 160 -3.77 -1.29 -7.59
CA VAL A 160 -3.53 -1.70 -6.22
C VAL A 160 -4.74 -2.45 -5.65
N SER A 161 -5.95 -2.02 -6.00
CA SER A 161 -7.13 -2.76 -5.57
C SER A 161 -7.08 -4.23 -6.05
N LEU A 162 -6.53 -4.48 -7.24
CA LEU A 162 -6.40 -5.85 -7.74
C LEU A 162 -5.28 -6.61 -7.05
N ILE A 163 -4.18 -5.91 -6.87
CA ILE A 163 -3.03 -6.44 -6.14
C ILE A 163 -3.47 -6.88 -4.76
N ASN A 164 -4.20 -6.02 -4.07
CA ASN A 164 -4.69 -6.37 -2.74
C ASN A 164 -5.73 -7.47 -2.75
N ALA A 165 -6.64 -7.42 -3.71
CA ALA A 165 -7.68 -8.41 -3.80
C ALA A 165 -7.10 -9.82 -3.92
N HIS A 166 -5.98 -9.94 -4.62
CA HIS A 166 -5.37 -11.25 -4.88
C HIS A 166 -4.22 -11.54 -3.93
N SER A 167 -4.05 -10.69 -2.93
CA SER A 167 -3.01 -10.82 -1.91
C SER A 167 -1.63 -10.99 -2.54
N LEU A 168 -1.35 -10.22 -3.58
CA LEU A 168 -0.01 -10.25 -4.18
C LEU A 168 0.97 -9.48 -3.32
N ASP A 169 2.18 -10.02 -3.22
CA ASP A 169 3.18 -9.46 -2.35
C ASP A 169 4.21 -8.64 -3.13
N PRO A 170 4.22 -7.32 -2.92
CA PRO A 170 5.15 -6.45 -3.64
C PRO A 170 6.62 -6.83 -3.41
N ALA A 171 6.91 -7.49 -2.28
CA ALA A 171 8.29 -7.84 -1.94
C ALA A 171 8.89 -8.77 -2.98
N THR A 172 8.05 -9.49 -3.72
CA THR A 172 8.57 -10.42 -4.74
C THR A 172 9.27 -9.68 -5.89
N LEU A 173 9.05 -8.37 -6.00
CA LEU A 173 9.73 -7.57 -7.01
C LEU A 173 10.84 -6.70 -6.43
N TYR A 174 11.01 -6.73 -5.09
CA TYR A 174 11.99 -5.86 -4.44
C TYR A 174 13.41 -6.15 -4.90
N GLU A 175 14.15 -5.07 -5.14
CA GLU A 175 15.61 -5.14 -5.23
C GLU A 175 16.16 -5.27 -3.82
N VAL A 176 17.44 -5.63 -3.70
CA VAL A 176 18.02 -5.85 -2.37
C VAL A 176 17.89 -4.61 -1.47
N GLU A 177 18.06 -3.42 -2.03
CA GLU A 177 17.94 -2.19 -1.25
C GLU A 177 16.54 -2.07 -0.63
N GLU A 178 15.51 -2.45 -1.40
CA GLU A 178 14.14 -2.42 -0.89
C GLU A 178 13.92 -3.49 0.17
N LEU A 179 14.52 -4.66 -0.02
CA LEU A 179 14.46 -5.67 1.02
C LEU A 179 15.14 -5.23 2.30
N GLU A 180 16.27 -4.52 2.19
CA GLU A 180 16.97 -4.04 3.37
C GLU A 180 16.11 -3.00 4.10
N THR A 181 15.49 -2.12 3.32
CA THR A 181 14.61 -1.10 3.89
C THR A 181 13.43 -1.74 4.62
N ALA A 182 12.82 -2.73 3.98
CA ALA A 182 11.70 -3.46 4.57
C ALA A 182 12.12 -4.22 5.81
N THR A 183 13.33 -4.74 5.81
CA THR A 183 13.80 -5.45 6.99
C THR A 183 13.93 -4.51 8.18
N GLU A 184 14.53 -3.35 7.94
CA GLU A 184 14.68 -2.36 9.00
C GLU A 184 13.31 -1.89 9.48
N ARG A 185 12.42 -1.68 8.53
CA ARG A 185 11.12 -1.08 8.85
C ARG A 185 10.24 -2.03 9.65
N TYR A 186 10.19 -3.29 9.23
CA TYR A 186 9.23 -4.23 9.77
C TYR A 186 9.82 -5.21 10.79
N LEU A 187 11.12 -5.50 10.69
CA LEU A 187 11.74 -6.42 11.62
C LEU A 187 12.68 -5.72 12.60
N HIS A 188 12.90 -4.42 12.38
CA HIS A 188 13.62 -3.57 13.32
C HIS A 188 15.04 -4.05 13.58
N VAL A 189 15.66 -4.62 12.55
CA VAL A 189 17.07 -4.99 12.61
C VAL A 189 17.74 -4.48 11.35
N ARG A 190 19.05 -4.25 11.40
CA ARG A 190 19.80 -3.87 10.22
C ARG A 190 20.33 -5.13 9.56
N PRO A 191 19.92 -5.41 8.32
CA PRO A 191 20.39 -6.63 7.65
C PRO A 191 21.81 -6.47 7.16
N GLN A 192 22.54 -7.57 7.04
CA GLN A 192 23.85 -7.52 6.41
C GLN A 192 24.15 -8.91 5.90
N PRO A 193 24.88 -9.01 4.79
CA PRO A 193 25.17 -10.35 4.28
C PRO A 193 26.14 -11.09 5.17
N LEU A 194 26.00 -12.40 5.20
CA LEU A 194 26.86 -13.26 5.99
C LEU A 194 28.10 -13.65 5.19
N ALA A 195 29.18 -13.94 5.89
CA ALA A 195 30.37 -14.47 5.23
C ALA A 195 29.92 -15.76 4.56
N GLY A 196 30.33 -15.95 3.32
CA GLY A 196 29.95 -17.14 2.59
C GLY A 196 28.63 -17.05 1.88
N GLU A 197 27.92 -15.94 2.08
CA GLU A 197 26.69 -15.68 1.36
C GLU A 197 26.96 -14.87 0.10
N ASP A 198 26.63 -15.40 -1.08
CA ASP A 198 26.75 -14.58 -2.28
C ASP A 198 25.54 -13.66 -2.38
N PRO A 199 25.58 -12.65 -3.27
CA PRO A 199 24.46 -11.72 -3.37
C PRO A 199 23.07 -12.35 -3.59
N PRO A 200 22.93 -13.37 -4.47
CA PRO A 200 21.58 -13.93 -4.60
C PRO A 200 21.07 -14.56 -3.30
N ALA A 201 21.96 -15.25 -2.59
CA ALA A 201 21.62 -15.92 -1.34
C ALA A 201 21.19 -14.92 -0.28
N TYR A 202 21.95 -13.83 -0.16
CA TYR A 202 21.58 -12.73 0.73
C TYR A 202 20.18 -12.20 0.44
N GLN A 203 19.92 -11.87 -0.82
CA GLN A 203 18.63 -11.31 -1.20
C GLN A 203 17.51 -12.32 -0.91
N ALA A 204 17.77 -13.60 -1.19
CA ALA A 204 16.77 -14.65 -0.96
C ALA A 204 16.48 -14.83 0.52
N ARG A 205 17.54 -14.72 1.34
CA ARG A 205 17.35 -14.83 2.78
C ARG A 205 16.49 -13.67 3.30
N LEU A 206 16.77 -12.46 2.84
CA LEU A 206 16.00 -11.29 3.28
C LEU A 206 14.55 -11.45 2.89
N LEU A 207 14.32 -11.91 1.66
CA LEU A 207 12.95 -12.07 1.15
C LEU A 207 12.20 -13.15 1.93
N GLN A 208 12.89 -14.25 2.19
CA GLN A 208 12.30 -15.37 2.92
C GLN A 208 11.92 -14.94 4.34
N LYS A 209 12.83 -14.28 5.06
CA LYS A 209 12.53 -13.87 6.41
C LYS A 209 11.39 -12.86 6.45
N LEU A 210 11.40 -11.92 5.50
CA LEU A 210 10.36 -10.90 5.45
C LEU A 210 8.98 -11.53 5.23
N THR A 211 8.88 -12.39 4.23
CA THR A 211 7.59 -12.98 3.86
C THR A 211 7.10 -13.94 4.94
N GLU A 212 8.02 -14.64 5.59
CA GLU A 212 7.64 -15.59 6.65
C GLU A 212 7.20 -14.90 7.94
N GLU A 213 7.82 -13.79 8.28
CA GLU A 213 7.60 -13.18 9.59
C GLU A 213 6.74 -11.91 9.57
N VAL A 214 6.55 -11.33 8.40
CA VAL A 214 5.78 -10.09 8.31
C VAL A 214 4.63 -10.23 7.32
N PRO A 215 3.41 -10.41 7.84
CA PRO A 215 2.25 -10.57 6.97
C PRO A 215 1.95 -9.35 6.13
N LEU A 216 1.30 -9.57 4.99
CA LEU A 216 0.71 -8.45 4.25
C LEU A 216 -0.37 -7.83 5.13
N GLY A 217 -0.82 -6.63 4.76
CA GLY A 217 -1.83 -5.93 5.55
C GLY A 217 -3.03 -6.78 5.96
N GLN A 218 -3.28 -6.90 7.26
CA GLN A 218 -4.33 -7.80 7.69
C GLN A 218 -5.72 -7.17 7.71
N SER A 219 -5.81 -5.86 7.53
CA SER A 219 -7.14 -5.23 7.45
C SER A 219 -7.49 -4.72 6.04
N ILE A 220 -6.56 -4.88 5.12
CA ILE A 220 -6.84 -4.66 3.71
C ILE A 220 -7.82 -5.74 3.21
N PRO A 221 -8.89 -5.34 2.50
CA PRO A 221 -9.90 -6.31 2.02
C PRO A 221 -9.36 -7.32 0.99
N ARG A 222 -9.53 -8.62 1.26
CA ARG A 222 -9.10 -9.67 0.33
C ARG A 222 -10.28 -10.41 -0.30
N ARG A 223 -10.06 -11.03 -1.46
CA ARG A 223 -11.12 -11.79 -2.11
C ARG A 223 -11.17 -13.23 -1.59
#